data_4DDR
#
_entry.id   4DDR
#
_cell.length_a   85.285
_cell.length_b   85.285
_cell.length_c   77.131
_cell.angle_alpha   90.000
_cell.angle_beta   90.000
_cell.angle_gamma   120.000
#
_symmetry.space_group_name_H-M   'H 3'
#
loop_
_entity.id
_entity.type
_entity.pdbx_description
1 polymer 'Dihydrofolate reductase'
2 non-polymer 'NADPH DIHYDRO-NICOTINAMIDE-ADENINE-DINUCLEOTIDE PHOSPHATE'
3 non-polymer '3-(2-{3-[(2,4-diamino-6-ethylpyrimidin-5-yl)oxy]propoxy}phenyl)propanoic acid'
4 water water
#
_entity_poly.entity_id   1
_entity_poly.type   'polypeptide(L)'
_entity_poly.pdbx_seq_one_letter_code
;VGSLNCIVAVSQNMGIGKNGDLPWPPLRNEFRYFQRMTTTSSVEGKQNLVIMGKKTWFSIPEKNRPLKGRINLVLSRELK
EPPQGAHFLSRSLDDALKLTEQPELANKVDMVWIVGGSSVYKEAMNHPGHLKLFVTRIMQDFESDTFFPEIDLEKYKLLP
EYPGVLSDVQEEKGIKYKFEVYEKND
;
_entity_poly.pdbx_strand_id   A
#
loop_
_chem_comp.id
_chem_comp.type
_chem_comp.name
_chem_comp.formula
MMV non-polymer '3-(2-{3-[(2,4-diamino-6-ethylpyrimidin-5-yl)oxy]propoxy}phenyl)propanoic acid' 'C18 H24 N4 O4'
NDP non-polymer 'NADPH DIHYDRO-NICOTINAMIDE-ADENINE-DINUCLEOTIDE PHOSPHATE' 'C21 H30 N7 O17 P3'
#
# COMPACT_ATOMS: atom_id res chain seq x y z
N VAL A 1 -10.32 -4.61 -14.31
CA VAL A 1 -9.37 -4.54 -13.15
C VAL A 1 -7.94 -4.63 -13.66
N GLY A 2 -7.13 -3.63 -13.32
CA GLY A 2 -5.74 -3.62 -13.74
C GLY A 2 -4.78 -4.43 -12.89
N SER A 3 -3.58 -3.89 -12.71
CA SER A 3 -2.54 -4.56 -11.95
C SER A 3 -2.72 -4.55 -10.44
N LEU A 4 -2.01 -5.46 -9.78
CA LEU A 4 -2.02 -5.58 -8.33
C LEU A 4 -0.66 -5.07 -7.85
N ASN A 5 -0.70 -4.15 -6.89
CA ASN A 5 0.51 -3.54 -6.35
C ASN A 5 0.49 -3.39 -4.83
N CYS A 6 1.69 -3.33 -4.23
CA CYS A 6 1.83 -3.11 -2.80
C CYS A 6 2.62 -1.81 -2.72
N ILE A 7 2.32 -0.98 -1.72
CA ILE A 7 3.05 0.25 -1.52
C ILE A 7 3.28 0.34 -0.01
N VAL A 8 4.51 0.67 0.37
CA VAL A 8 4.89 0.76 1.77
C VAL A 8 6.09 1.69 1.92
N ALA A 9 6.30 2.17 3.14
CA ALA A 9 7.45 3.00 3.51
C ALA A 9 8.07 2.18 4.64
N VAL A 10 9.37 1.91 4.55
CA VAL A 10 10.03 1.08 5.54
C VAL A 10 11.41 1.64 5.96
N SER A 11 11.76 1.44 7.23
CA SER A 11 13.04 1.91 7.77
C SER A 11 14.14 0.90 7.44
N GLN A 12 15.39 1.25 7.76
CA GLN A 12 16.51 0.35 7.47
C GLN A 12 16.32 -1.00 8.17
N ASN A 13 15.79 -0.96 9.39
CA ASN A 13 15.58 -2.18 10.14
C ASN A 13 14.21 -2.80 9.83
N MET A 14 13.68 -2.47 8.65
CA MET A 14 12.40 -2.99 8.16
C MET A 14 11.14 -2.64 8.95
N GLY A 15 11.18 -1.57 9.74
CA GLY A 15 10.00 -1.19 10.50
C GLY A 15 9.01 -0.36 9.73
N ILE A 16 7.71 -0.65 9.88
CA ILE A 16 6.68 0.13 9.19
C ILE A 16 5.76 0.85 10.17
N GLY A 17 5.73 0.40 11.42
CA GLY A 17 4.88 1.07 12.39
C GLY A 17 5.26 0.85 13.83
N LYS A 18 4.68 1.67 14.71
CA LYS A 18 4.91 1.57 16.15
C LYS A 18 3.73 2.20 16.88
N ASN A 19 3.12 1.44 17.77
CA ASN A 19 1.99 1.93 18.55
C ASN A 19 0.90 2.56 17.66
N GLY A 20 0.65 1.96 16.50
CA GLY A 20 -0.38 2.48 15.62
C GLY A 20 -0.02 3.72 14.83
N ASP A 21 1.27 4.09 14.85
CA ASP A 21 1.74 5.25 14.14
C ASP A 21 2.95 4.85 13.31
N LEU A 22 3.51 5.79 12.55
CA LEU A 22 4.70 5.51 11.74
C LEU A 22 5.88 5.59 12.72
N PRO A 23 6.92 4.79 12.51
CA PRO A 23 8.09 4.81 13.41
C PRO A 23 8.82 6.16 13.40
N TRP A 24 8.72 6.87 12.29
CA TRP A 24 9.37 8.16 12.10
C TRP A 24 8.35 9.30 12.17
N PRO A 25 8.83 10.53 12.38
CA PRO A 25 7.90 11.67 12.46
C PRO A 25 7.18 11.77 11.12
N PRO A 26 6.05 12.48 11.07
CA PRO A 26 5.34 12.59 9.79
C PRO A 26 6.19 13.24 8.71
N LEU A 27 6.12 12.68 7.50
CA LEU A 27 6.85 13.20 6.36
C LEU A 27 5.80 13.59 5.31
N ARG A 28 5.51 14.89 5.24
CA ARG A 28 4.51 15.44 4.33
C ARG A 28 4.63 14.95 2.89
N ASN A 29 5.81 15.08 2.30
CA ASN A 29 6.01 14.67 0.92
C ASN A 29 5.94 13.16 0.69
N GLU A 30 6.34 12.37 1.68
CA GLU A 30 6.28 10.93 1.52
C GLU A 30 4.79 10.56 1.42
N PHE A 31 3.98 11.21 2.25
CA PHE A 31 2.54 10.96 2.25
C PHE A 31 1.92 11.39 0.92
N ARG A 32 2.37 12.53 0.39
CA ARG A 32 1.85 13.02 -0.88
C ARG A 32 2.22 12.06 -2.01
N TYR A 33 3.39 11.45 -1.90
CA TYR A 33 3.82 10.47 -2.89
C TYR A 33 2.83 9.30 -2.83
N PHE A 34 2.59 8.81 -1.61
CA PHE A 34 1.67 7.70 -1.41
C PHE A 34 0.26 8.01 -1.94
N GLN A 35 -0.20 9.23 -1.70
CA GLN A 35 -1.52 9.64 -2.17
C GLN A 35 -1.54 9.66 -3.69
N ARG A 36 -0.52 10.29 -4.28
CA ARG A 36 -0.39 10.41 -5.72
C ARG A 36 -0.37 9.05 -6.44
N MET A 37 0.54 8.20 -6.03
CA MET A 37 0.68 6.88 -6.64
C MET A 37 -0.58 6.02 -6.54
N THR A 38 -1.20 5.96 -5.37
CA THR A 38 -2.38 5.13 -5.21
C THR A 38 -3.63 5.75 -5.83
N THR A 39 -3.68 7.07 -5.88
CA THR A 39 -4.84 7.75 -6.45
C THR A 39 -4.83 7.76 -7.99
N THR A 40 -3.71 8.13 -8.57
CA THR A 40 -3.58 8.21 -10.03
C THR A 40 -3.97 6.93 -10.78
N SER A 41 -4.97 7.06 -11.66
CA SER A 41 -5.47 5.95 -12.46
C SER A 41 -5.23 6.22 -13.95
N SER A 42 -4.62 5.25 -14.63
CA SER A 42 -4.31 5.39 -16.05
C SER A 42 -5.43 4.94 -16.99
N VAL A 43 -6.67 5.01 -16.54
CA VAL A 43 -7.81 4.61 -17.36
C VAL A 43 -9.04 5.47 -17.08
N GLU A 44 -9.39 6.32 -18.05
CA GLU A 44 -10.54 7.21 -17.92
C GLU A 44 -11.81 6.53 -17.42
N GLY A 45 -12.51 7.20 -16.51
CA GLY A 45 -13.75 6.66 -15.99
C GLY A 45 -13.60 5.58 -14.93
N LYS A 46 -12.38 5.35 -14.46
CA LYS A 46 -12.17 4.32 -13.44
C LYS A 46 -11.46 4.86 -12.20
N GLN A 47 -11.45 4.05 -11.15
CA GLN A 47 -10.82 4.40 -9.89
C GLN A 47 -9.97 3.26 -9.36
N ASN A 48 -8.90 3.62 -8.65
CA ASN A 48 -8.06 2.58 -8.06
C ASN A 48 -8.72 2.17 -6.76
N LEU A 49 -8.44 0.96 -6.30
CA LEU A 49 -9.02 0.47 -5.06
C LEU A 49 -7.89 0.14 -4.09
N VAL A 50 -8.01 0.60 -2.86
CA VAL A 50 -7.00 0.33 -1.85
C VAL A 50 -7.52 -0.68 -0.86
N ILE A 51 -6.68 -1.66 -0.55
CA ILE A 51 -6.99 -2.73 0.38
C ILE A 51 -6.06 -2.55 1.59
N MET A 52 -6.61 -2.70 2.79
CA MET A 52 -5.81 -2.54 4.01
C MET A 52 -6.38 -3.34 5.18
N GLY A 53 -5.51 -3.68 6.12
CA GLY A 53 -5.94 -4.40 7.31
C GLY A 53 -6.69 -3.42 8.21
N LYS A 54 -7.41 -3.94 9.20
CA LYS A 54 -8.19 -3.08 10.11
C LYS A 54 -7.34 -2.06 10.86
N LYS A 55 -6.23 -2.51 11.43
CA LYS A 55 -5.36 -1.60 12.17
C LYS A 55 -4.82 -0.46 11.31
N THR A 56 -4.51 -0.74 10.04
CA THR A 56 -4.00 0.30 9.16
C THR A 56 -5.08 1.36 8.94
N TRP A 57 -6.32 0.92 8.74
CA TRP A 57 -7.41 1.87 8.53
C TRP A 57 -7.52 2.85 9.71
N PHE A 58 -7.46 2.32 10.93
CA PHE A 58 -7.57 3.19 12.10
C PHE A 58 -6.32 4.00 12.43
N SER A 59 -5.21 3.69 11.75
CA SER A 59 -3.96 4.42 11.99
C SER A 59 -3.93 5.70 11.12
N ILE A 60 -4.72 5.70 10.06
CA ILE A 60 -4.80 6.85 9.15
C ILE A 60 -5.59 7.95 9.85
N PRO A 61 -5.09 9.20 9.83
CA PRO A 61 -5.81 10.29 10.48
C PRO A 61 -7.23 10.41 9.91
N GLU A 62 -8.21 10.53 10.79
CA GLU A 62 -9.62 10.64 10.39
C GLU A 62 -9.80 11.70 9.29
N LYS A 63 -8.97 12.73 9.34
CA LYS A 63 -9.00 13.80 8.38
C LYS A 63 -8.67 13.30 6.97
N ASN A 64 -7.98 12.16 6.91
CA ASN A 64 -7.58 11.58 5.63
C ASN A 64 -8.32 10.28 5.35
N ARG A 65 -9.42 10.05 6.07
CA ARG A 65 -10.22 8.84 5.92
C ARG A 65 -11.64 9.17 5.45
N PRO A 66 -12.11 8.48 4.39
CA PRO A 66 -11.37 7.45 3.64
C PRO A 66 -10.32 8.10 2.75
N LEU A 67 -9.42 7.28 2.19
CA LEU A 67 -8.42 7.83 1.29
C LEU A 67 -9.21 8.35 0.09
N LYS A 68 -9.16 9.66 -0.11
CA LYS A 68 -9.89 10.35 -1.18
C LYS A 68 -9.63 9.89 -2.61
N GLY A 69 -10.71 9.82 -3.40
CA GLY A 69 -10.60 9.44 -4.80
C GLY A 69 -10.21 8.01 -5.05
N ARG A 70 -10.42 7.16 -4.06
CA ARG A 70 -10.10 5.75 -4.16
C ARG A 70 -11.17 4.99 -3.42
N ILE A 71 -11.43 3.76 -3.86
CA ILE A 71 -12.43 2.92 -3.21
C ILE A 71 -11.68 2.27 -2.05
N ASN A 72 -12.15 2.51 -0.82
CA ASN A 72 -11.50 1.94 0.37
C ASN A 72 -12.10 0.62 0.82
N LEU A 73 -11.25 -0.41 0.86
CA LEU A 73 -11.67 -1.73 1.28
C LEU A 73 -10.81 -2.13 2.48
N VAL A 74 -11.48 -2.52 3.56
CA VAL A 74 -10.85 -2.94 4.80
C VAL A 74 -11.03 -4.43 5.03
N LEU A 75 -9.96 -5.09 5.49
CA LEU A 75 -9.97 -6.52 5.75
C LEU A 75 -10.14 -6.76 7.24
N SER A 76 -11.07 -7.64 7.59
CA SER A 76 -11.34 -7.98 8.99
C SER A 76 -12.33 -9.12 9.07
N ARG A 77 -12.14 -9.99 10.06
CA ARG A 77 -13.03 -11.11 10.26
C ARG A 77 -13.93 -10.82 11.46
N GLU A 78 -13.58 -9.80 12.24
CA GLU A 78 -14.36 -9.40 13.41
C GLU A 78 -15.48 -8.42 13.06
N LEU A 79 -15.16 -7.42 12.25
CA LEU A 79 -16.15 -6.41 11.86
C LEU A 79 -17.34 -7.02 11.15
N LYS A 80 -18.50 -6.39 11.30
CA LYS A 80 -19.74 -6.85 10.68
C LYS A 80 -20.14 -5.96 9.51
N GLU A 81 -19.43 -4.86 9.35
CA GLU A 81 -19.68 -3.93 8.25
C GLU A 81 -18.47 -3.00 8.13
N PRO A 82 -18.29 -2.40 6.96
CA PRO A 82 -17.15 -1.50 6.79
C PRO A 82 -17.16 -0.43 7.87
N PRO A 83 -15.98 0.00 8.33
CA PRO A 83 -15.93 1.03 9.37
C PRO A 83 -16.51 2.35 8.83
N GLN A 84 -16.95 3.21 9.75
CA GLN A 84 -17.48 4.50 9.36
C GLN A 84 -16.50 5.16 8.39
N GLY A 85 -16.99 5.55 7.21
CA GLY A 85 -16.14 6.18 6.21
C GLY A 85 -15.55 5.23 5.17
N ALA A 86 -15.46 3.95 5.49
CA ALA A 86 -14.91 2.98 4.55
C ALA A 86 -15.98 2.62 3.53
N HIS A 87 -15.58 1.94 2.47
CA HIS A 87 -16.51 1.55 1.42
C HIS A 87 -16.87 0.08 1.45
N PHE A 88 -15.87 -0.77 1.54
CA PHE A 88 -16.09 -2.21 1.56
C PHE A 88 -15.37 -2.92 2.68
N LEU A 89 -15.82 -4.15 2.93
CA LEU A 89 -15.27 -5.03 3.96
C LEU A 89 -15.20 -6.43 3.41
N SER A 90 -14.05 -7.08 3.56
CA SER A 90 -13.88 -8.45 3.10
C SER A 90 -13.18 -9.22 4.22
N ARG A 91 -13.37 -10.53 4.23
CA ARG A 91 -12.80 -11.39 5.27
C ARG A 91 -11.49 -12.09 4.91
N SER A 92 -10.99 -11.87 3.70
CA SER A 92 -9.73 -12.48 3.28
C SER A 92 -9.26 -11.73 2.05
N LEU A 93 -7.97 -11.84 1.73
CA LEU A 93 -7.45 -11.15 0.56
C LEU A 93 -8.08 -11.69 -0.72
N ASP A 94 -8.29 -13.00 -0.80
CA ASP A 94 -8.91 -13.58 -1.98
C ASP A 94 -10.30 -12.99 -2.21
N ASP A 95 -11.10 -12.93 -1.13
CA ASP A 95 -12.45 -12.38 -1.24
C ASP A 95 -12.42 -10.94 -1.71
N ALA A 96 -11.44 -10.19 -1.24
CA ALA A 96 -11.32 -8.80 -1.65
C ALA A 96 -11.04 -8.75 -3.14
N LEU A 97 -10.18 -9.67 -3.59
CA LEU A 97 -9.81 -9.75 -4.99
C LEU A 97 -11.00 -10.18 -5.84
N LYS A 98 -11.69 -11.24 -5.42
CA LYS A 98 -12.88 -11.69 -6.14
C LYS A 98 -13.83 -10.53 -6.31
N LEU A 99 -14.10 -9.85 -5.20
CA LEU A 99 -15.02 -8.71 -5.17
C LEU A 99 -14.79 -7.71 -6.30
N THR A 100 -13.53 -7.45 -6.63
CA THR A 100 -13.22 -6.50 -7.70
C THR A 100 -13.72 -7.04 -9.04
N GLU A 101 -13.92 -8.36 -9.10
CA GLU A 101 -14.39 -9.02 -10.31
C GLU A 101 -15.91 -9.13 -10.40
N GLN A 102 -16.60 -8.55 -9.43
CA GLN A 102 -18.06 -8.61 -9.43
C GLN A 102 -18.59 -7.53 -10.36
N PRO A 103 -19.78 -7.75 -10.94
CA PRO A 103 -20.36 -6.75 -11.85
C PRO A 103 -20.42 -5.38 -11.18
N GLU A 104 -20.50 -5.40 -9.86
CA GLU A 104 -20.56 -4.18 -9.05
C GLU A 104 -19.29 -3.33 -9.20
N LEU A 105 -18.12 -3.96 -9.01
CA LEU A 105 -16.85 -3.25 -9.10
C LEU A 105 -16.10 -3.45 -10.42
N ALA A 106 -16.19 -4.66 -10.95
CA ALA A 106 -15.52 -5.05 -12.20
C ALA A 106 -15.25 -3.95 -13.22
N ASN A 107 -16.25 -3.14 -13.54
CA ASN A 107 -16.08 -2.07 -14.54
C ASN A 107 -15.53 -0.75 -14.04
N LYS A 108 -15.48 -0.55 -12.73
CA LYS A 108 -14.99 0.71 -12.20
C LYS A 108 -13.59 0.67 -11.58
N VAL A 109 -13.06 -0.53 -11.37
CA VAL A 109 -11.74 -0.67 -10.76
C VAL A 109 -10.54 -0.77 -11.71
N ASP A 110 -9.59 0.15 -11.59
CA ASP A 110 -8.40 0.11 -12.41
C ASP A 110 -7.32 -0.65 -11.63
N MET A 111 -6.44 0.09 -10.95
CA MET A 111 -5.39 -0.55 -10.18
C MET A 111 -5.82 -0.91 -8.77
N VAL A 112 -5.20 -1.95 -8.23
CA VAL A 112 -5.48 -2.39 -6.87
C VAL A 112 -4.19 -2.18 -6.07
N TRP A 113 -4.31 -1.43 -4.97
CA TRP A 113 -3.16 -1.15 -4.11
C TRP A 113 -3.31 -1.67 -2.69
N ILE A 114 -2.39 -2.54 -2.29
CA ILE A 114 -2.38 -3.07 -0.93
C ILE A 114 -1.50 -2.09 -0.17
N VAL A 115 -2.08 -1.42 0.82
CA VAL A 115 -1.36 -0.41 1.56
C VAL A 115 -1.01 -0.77 3.00
N GLY A 116 -1.12 -2.04 3.37
CA GLY A 116 -0.80 -2.45 4.74
C GLY A 116 -1.90 -3.24 5.42
N GLY A 117 -1.60 -3.98 6.47
CA GLY A 117 -0.25 -4.05 7.03
C GLY A 117 0.54 -5.31 6.74
N SER A 118 1.36 -5.73 7.72
CA SER A 118 2.23 -6.90 7.60
C SER A 118 1.66 -8.14 6.96
N SER A 119 0.59 -8.67 7.54
CA SER A 119 -0.04 -9.89 7.03
C SER A 119 -0.53 -9.79 5.59
N VAL A 120 -1.10 -8.65 5.23
CA VAL A 120 -1.62 -8.47 3.88
C VAL A 120 -0.45 -8.44 2.92
N TYR A 121 0.57 -7.66 3.27
CA TYR A 121 1.77 -7.56 2.43
C TYR A 121 2.33 -8.95 2.18
N LYS A 122 2.59 -9.68 3.27
CA LYS A 122 3.16 -11.01 3.18
C LYS A 122 2.41 -11.95 2.24
N GLU A 123 1.10 -12.09 2.44
CA GLU A 123 0.31 -12.98 1.60
C GLU A 123 0.36 -12.58 0.13
N ALA A 124 0.17 -11.29 -0.15
CA ALA A 124 0.19 -10.79 -1.52
C ALA A 124 1.54 -11.05 -2.17
N MET A 125 2.61 -10.70 -1.46
CA MET A 125 3.97 -10.86 -1.96
C MET A 125 4.40 -12.29 -2.26
N ASN A 126 3.82 -13.26 -1.56
CA ASN A 126 4.16 -14.66 -1.76
C ASN A 126 3.12 -15.41 -2.58
N HIS A 127 2.26 -14.64 -3.27
CA HIS A 127 1.22 -15.20 -4.11
C HIS A 127 1.68 -15.20 -5.57
N PRO A 128 1.58 -16.34 -6.26
CA PRO A 128 2.01 -16.39 -7.66
C PRO A 128 1.29 -15.32 -8.48
N GLY A 129 1.95 -14.83 -9.53
CA GLY A 129 1.32 -13.81 -10.36
C GLY A 129 2.18 -12.58 -10.58
N HIS A 130 1.64 -11.63 -11.32
CA HIS A 130 2.36 -10.40 -11.61
C HIS A 130 2.11 -9.42 -10.47
N LEU A 131 3.17 -8.90 -9.88
CA LEU A 131 3.03 -7.99 -8.76
C LEU A 131 4.17 -7.00 -8.62
N LYS A 132 3.83 -5.74 -8.33
CA LYS A 132 4.85 -4.71 -8.13
C LYS A 132 4.80 -4.18 -6.71
N LEU A 133 5.97 -3.88 -6.17
CA LEU A 133 6.09 -3.34 -4.83
C LEU A 133 6.73 -1.94 -4.94
N PHE A 134 6.04 -0.94 -4.44
CA PHE A 134 6.54 0.41 -4.44
C PHE A 134 7.01 0.63 -3.02
N VAL A 135 8.33 0.60 -2.86
CA VAL A 135 8.96 0.72 -1.56
C VAL A 135 9.75 1.99 -1.34
N THR A 136 9.40 2.71 -0.28
CA THR A 136 10.10 3.94 0.09
C THR A 136 11.09 3.51 1.18
N ARG A 137 12.37 3.73 0.93
CA ARG A 137 13.43 3.36 1.87
C ARG A 137 13.80 4.51 2.80
N ILE A 138 13.28 4.51 4.02
CA ILE A 138 13.63 5.52 5.01
C ILE A 138 15.02 5.07 5.43
N MET A 139 16.03 5.86 5.09
CA MET A 139 17.42 5.49 5.36
C MET A 139 17.97 5.69 6.78
N GLN A 140 17.22 5.23 7.77
CA GLN A 140 17.60 5.31 9.18
C GLN A 140 16.92 4.19 9.93
N ASP A 141 17.43 3.87 11.10
CA ASP A 141 16.80 2.85 11.92
C ASP A 141 15.81 3.57 12.83
N PHE A 142 14.66 2.94 13.03
CA PHE A 142 13.63 3.50 13.88
C PHE A 142 12.99 2.40 14.72
N GLU A 143 12.84 2.66 16.01
CA GLU A 143 12.23 1.70 16.91
C GLU A 143 10.86 1.42 16.33
N SER A 144 10.55 0.14 16.09
CA SER A 144 9.28 -0.26 15.51
C SER A 144 8.70 -1.50 16.18
N ASP A 145 7.39 -1.70 16.05
CA ASP A 145 6.76 -2.90 16.59
C ASP A 145 6.03 -3.70 15.50
N THR A 146 6.07 -3.20 14.27
CA THR A 146 5.46 -3.85 13.11
C THR A 146 6.48 -3.77 11.97
N PHE A 147 6.67 -4.88 11.26
CA PHE A 147 7.67 -4.92 10.20
C PHE A 147 7.19 -5.38 8.83
N PHE A 148 7.95 -5.01 7.81
CA PHE A 148 7.66 -5.38 6.44
C PHE A 148 8.22 -6.78 6.22
N PRO A 149 7.48 -7.65 5.51
CA PRO A 149 8.05 -8.99 5.32
C PRO A 149 9.20 -8.99 4.32
N GLU A 150 10.00 -10.05 4.36
CA GLU A 150 11.14 -10.19 3.48
C GLU A 150 10.84 -10.12 1.99
N ILE A 151 11.68 -9.39 1.28
CA ILE A 151 11.56 -9.28 -0.17
C ILE A 151 12.56 -10.27 -0.77
N ASP A 152 12.03 -11.26 -1.48
CA ASP A 152 12.86 -12.29 -2.12
C ASP A 152 13.42 -11.70 -3.42
N LEU A 153 14.66 -11.24 -3.37
CA LEU A 153 15.27 -10.64 -4.54
C LEU A 153 15.53 -11.58 -5.72
N GLU A 154 15.27 -12.87 -5.55
CA GLU A 154 15.44 -13.78 -6.67
C GLU A 154 14.22 -13.59 -7.58
N LYS A 155 13.08 -13.28 -6.96
CA LYS A 155 11.82 -13.08 -7.68
C LYS A 155 11.56 -11.60 -8.00
N TYR A 156 11.72 -10.75 -7.01
CA TYR A 156 11.47 -9.32 -7.16
C TYR A 156 12.67 -8.55 -7.71
N LYS A 157 12.53 -8.05 -8.93
CA LYS A 157 13.61 -7.28 -9.55
C LYS A 157 13.45 -5.79 -9.29
N LEU A 158 14.51 -5.17 -8.80
CA LEU A 158 14.49 -3.74 -8.54
C LEU A 158 14.63 -3.07 -9.90
N LEU A 159 13.65 -2.27 -10.29
CA LEU A 159 13.68 -1.61 -11.58
C LEU A 159 14.66 -0.44 -11.55
N PRO A 160 15.43 -0.26 -12.64
CA PRO A 160 16.42 0.82 -12.75
C PRO A 160 15.82 2.23 -12.79
N GLU A 161 14.55 2.31 -13.14
CA GLU A 161 13.86 3.60 -13.22
C GLU A 161 12.38 3.32 -13.40
N TYR A 162 11.55 4.29 -13.09
CA TYR A 162 10.10 4.14 -13.25
C TYR A 162 9.45 5.50 -13.43
N PRO A 163 8.56 5.63 -14.42
CA PRO A 163 7.85 6.89 -14.71
C PRO A 163 7.04 7.39 -13.53
N GLY A 164 7.22 8.67 -13.20
CA GLY A 164 6.49 9.26 -12.09
C GLY A 164 7.13 9.00 -10.74
N VAL A 165 8.29 8.36 -10.72
CA VAL A 165 8.98 8.05 -9.47
C VAL A 165 10.39 8.64 -9.44
N LEU A 166 10.59 9.65 -8.59
CA LEU A 166 11.91 10.28 -8.48
C LEU A 166 12.96 9.24 -8.07
N SER A 167 14.10 9.24 -8.75
CA SER A 167 15.17 8.28 -8.47
C SER A 167 16.20 8.75 -7.46
N ASP A 168 16.27 10.04 -7.21
CA ASP A 168 17.27 10.57 -6.29
C ASP A 168 16.83 10.58 -4.82
N VAL A 169 17.83 10.70 -3.93
CA VAL A 169 17.59 10.73 -2.50
C VAL A 169 16.78 11.95 -2.07
N GLN A 170 15.77 11.71 -1.24
CA GLN A 170 14.89 12.77 -0.73
C GLN A 170 15.24 12.99 0.73
N GLU A 171 14.81 14.13 1.28
CA GLU A 171 15.07 14.41 2.68
C GLU A 171 14.04 15.37 3.26
N GLU A 172 13.45 14.96 4.39
CA GLU A 172 12.46 15.77 5.09
C GLU A 172 12.70 15.62 6.59
N LYS A 173 12.65 16.73 7.31
CA LYS A 173 12.87 16.71 8.75
C LYS A 173 14.19 16.03 9.09
N GLY A 174 15.21 16.30 8.29
CA GLY A 174 16.51 15.71 8.55
C GLY A 174 16.58 14.20 8.35
N ILE A 175 15.58 13.66 7.65
CA ILE A 175 15.51 12.23 7.37
C ILE A 175 15.61 11.97 5.87
N LYS A 176 16.59 11.18 5.47
CA LYS A 176 16.79 10.85 4.06
C LYS A 176 16.06 9.58 3.67
N TYR A 177 15.52 9.57 2.45
CA TYR A 177 14.81 8.40 1.95
C TYR A 177 14.78 8.41 0.43
N LYS A 178 14.53 7.25 -0.16
CA LYS A 178 14.49 7.12 -1.62
C LYS A 178 13.35 6.19 -2.03
N PHE A 179 12.87 6.38 -3.26
CA PHE A 179 11.77 5.57 -3.78
C PHE A 179 12.29 4.44 -4.66
N GLU A 180 11.70 3.26 -4.51
CA GLU A 180 12.08 2.10 -5.30
C GLU A 180 10.84 1.39 -5.81
N VAL A 181 10.99 0.69 -6.93
CA VAL A 181 9.90 -0.07 -7.51
C VAL A 181 10.44 -1.45 -7.84
N TYR A 182 9.79 -2.48 -7.32
CA TYR A 182 10.20 -3.86 -7.58
C TYR A 182 9.11 -4.54 -8.37
N GLU A 183 9.50 -5.54 -9.17
CA GLU A 183 8.53 -6.26 -9.96
C GLU A 183 8.85 -7.74 -10.06
N LYS A 184 7.81 -8.56 -9.93
CA LYS A 184 7.95 -10.00 -10.07
C LYS A 184 6.82 -10.46 -10.98
N ASN A 185 7.01 -11.62 -11.58
CA ASN A 185 5.99 -12.20 -12.46
C ASN A 185 6.24 -13.70 -12.41
N ASP A 186 5.48 -14.40 -11.58
CA ASP A 186 5.65 -15.85 -11.42
C ASP A 186 4.31 -16.54 -11.20
PA NDP B . -3.13 -4.50 9.84
O1A NDP B . -2.62 -5.47 8.87
O2A NDP B . -3.44 -3.23 9.18
O5B NDP B . -4.45 -5.03 10.50
C5B NDP B . -4.37 -6.35 11.12
C4B NDP B . -5.84 -6.66 11.36
O4B NDP B . -6.57 -6.54 10.14
C3B NDP B . -6.20 -8.10 11.81
O3B NDP B . -6.20 -8.08 13.27
C2B NDP B . -7.49 -8.41 10.99
O2B NDP B . -8.45 -7.81 11.90
C1B NDP B . -7.31 -7.66 9.66
N9A NDP B . -6.50 -8.39 8.67
C8A NDP B . -5.21 -8.38 8.18
N7A NDP B . -5.04 -9.27 7.15
C5A NDP B . -6.26 -9.82 6.97
C6A NDP B . -6.77 -10.76 6.10
N6A NDP B . -5.95 -11.29 5.17
N1A NDP B . -8.08 -11.12 6.15
C2A NDP B . -8.99 -10.61 7.06
N3A NDP B . -8.52 -9.69 7.94
C4A NDP B . -7.17 -9.29 7.91
O3 NDP B . -2.17 -4.26 11.07
PN NDP B . -0.60 -4.11 11.23
O1N NDP B . 0.21 -5.04 10.43
O2N NDP B . -0.38 -4.26 12.67
O5D NDP B . -0.06 -2.69 10.70
C5D NDP B . -0.65 -1.49 11.29
C4D NDP B . 0.63 -0.69 11.71
O4D NDP B . 1.59 -0.43 10.66
C3D NDP B . 0.32 0.68 12.31
O3D NDP B . 1.42 0.98 13.22
C2D NDP B . 0.36 1.62 11.07
O2D NDP B . 0.67 2.96 11.47
C1D NDP B . 1.48 0.98 10.24
N1N NDP B . 1.39 0.97 8.75
C2N NDP B . 2.64 1.57 8.12
C3N NDP B . 2.75 1.55 6.72
C7N NDP B . 4.02 2.08 6.06
O7N NDP B . 4.12 2.02 4.82
N7N NDP B . 5.02 2.60 6.76
C4N NDP B . 1.59 0.96 5.92
C5N NDP B . 0.34 0.40 6.59
C6N NDP B . 0.26 0.40 7.95
P2B NDP B . -9.53 -8.72 12.63
O1X NDP B . -10.01 -9.92 11.84
O2X NDP B . -8.84 -9.20 13.87
O3X NDP B . -10.67 -7.84 13.10
C1 MMV C . 2.27 3.35 2.55
N2 MMV C . 3.26 3.58 1.66
C3 MMV C . 4.11 4.68 1.77
N4 MMV C . 3.94 5.57 2.80
C5 MMV C . 2.94 5.42 3.77
C6 MMV C . 2.06 4.25 3.64
N7 MMV C . 1.49 2.33 2.44
N8 MMV C . 5.07 4.85 0.84
C9 MMV C . 2.86 6.39 4.82
C10 MMV C . 2.39 7.78 4.19
O11 MMV C . 1.01 3.96 4.51
C12 MMV C . -0.21 4.66 4.21
C13 MMV C . -1.30 4.01 5.13
C14 MMV C . -0.92 4.23 6.64
O15 MMV C . -0.83 5.68 6.92
C16 MMV C . -0.50 6.20 8.20
C17 MMV C . -0.47 7.67 8.29
C18 MMV C . -0.13 8.24 9.59
C19 MMV C . 0.17 7.41 10.74
C20 MMV C . 0.15 6.00 10.66
C21 MMV C . -0.19 5.37 9.38
C22 MMV C . -0.78 8.50 7.07
C23 MMV C . -0.74 10.09 7.14
C24 MMV C . 0.67 10.85 7.13
O25 MMV C . 0.63 12.11 7.29
O26 MMV C . 1.76 10.19 7.02
#